data_1BZM
#
_entry.id   1BZM
#
_cell.length_a   81.850
_cell.length_b   75.310
_cell.length_c   37.760
_cell.angle_alpha   90.00
_cell.angle_beta   90.00
_cell.angle_gamma   90.00
#
_symmetry.space_group_name_H-M   'P 21 21 21'
#
loop_
_entity.id
_entity.type
_entity.pdbx_description
1 polymer 'CARBONIC ANHYDRASE I'
2 non-polymer 'ZINC ION'
3 non-polymer N-(3-methyl-5-sulfamoyl-1,3,4-thiadiazol-2(3H)-ylidene)acetamide
4 water water
#
_entity_poly.entity_id   1
_entity_poly.type   'polypeptide(L)'
_entity_poly.pdbx_seq_one_letter_code
;ASPDWGYDDKNGPEQWSKLYPIANGNNQSPVDIKTSETKHDTSLKPISVSYNPATAKEIINVGHSFHVNFEDNDNRSVLK
GGPFSDSYRLFQFHFHWGSTNEHGSEHTVDGVKYSAELHVAHWNSAKYSSLAEAASKADGLAVIGVLMKVGEANPKLQKV
LDALQAIKTKGKRAPFTNFDPSTLLPSSLDFWTYPGSLTHPPLYESVTWIICKESISVSSEQLAQFRSLLSNVEGDNAVP
MQHNNRPTQPLKGRTVRASF
;
_entity_poly.pdbx_strand_id   A
#
# COMPACT_ATOMS: atom_id res chain seq x y z
N ALA A 1 -6.88 22.93 -3.63
CA ALA A 1 -7.35 21.52 -3.51
C ALA A 1 -6.80 20.81 -4.76
N SER A 2 -5.96 21.63 -5.41
CA SER A 2 -5.31 21.19 -6.65
C SER A 2 -3.79 21.38 -6.57
N PRO A 3 -3.36 20.29 -6.00
CA PRO A 3 -2.96 19.31 -5.05
C PRO A 3 -2.32 19.80 -3.75
N ASP A 4 -1.03 19.82 -3.72
CA ASP A 4 0.05 20.09 -2.88
C ASP A 4 -0.09 19.86 -1.37
N TRP A 5 0.31 18.64 -1.08
CA TRP A 5 0.46 17.93 0.17
C TRP A 5 1.79 17.15 -0.08
N GLY A 6 2.45 16.88 1.03
CA GLY A 6 3.71 16.11 0.98
C GLY A 6 3.92 15.31 2.27
N TYR A 7 5.19 14.99 2.51
CA TYR A 7 5.56 14.27 3.73
C TYR A 7 6.50 15.09 4.58
N ASP A 8 6.68 16.34 4.18
CA ASP A 8 7.63 17.26 4.91
C ASP A 8 6.91 18.05 5.98
N ASP A 9 7.66 18.77 6.78
CA ASP A 9 7.07 19.57 7.88
C ASP A 9 5.92 20.48 7.49
N LYS A 10 6.06 21.18 6.40
CA LYS A 10 5.15 22.13 5.82
C LYS A 10 3.82 21.68 5.26
N ASN A 11 3.84 20.57 4.53
CA ASN A 11 2.65 20.02 3.88
C ASN A 11 2.43 18.54 4.26
N GLY A 12 3.04 18.03 5.28
CA GLY A 12 3.13 16.73 5.89
C GLY A 12 1.85 16.25 6.57
N PRO A 13 1.84 15.05 7.11
CA PRO A 13 0.68 14.43 7.75
C PRO A 13 -0.02 15.21 8.85
N GLU A 14 0.70 15.91 9.69
CA GLU A 14 0.12 16.73 10.77
C GLU A 14 -0.55 18.01 10.29
N GLN A 15 -0.43 18.32 9.04
CA GLN A 15 -0.99 19.50 8.37
C GLN A 15 -2.10 19.21 7.41
N TRP A 16 -2.20 17.97 6.94
CA TRP A 16 -3.16 17.53 5.93
C TRP A 16 -4.60 17.92 6.25
N SER A 17 -4.89 17.92 7.54
CA SER A 17 -6.26 18.27 7.96
C SER A 17 -6.58 19.72 7.58
N LYS A 18 -5.62 20.63 7.55
CA LYS A 18 -6.01 22.01 7.15
C LYS A 18 -6.62 22.00 5.75
N LEU A 19 -6.27 21.06 4.88
CA LEU A 19 -6.75 20.87 3.55
C LEU A 19 -7.80 19.76 3.34
N TYR A 20 -7.62 18.66 4.05
CA TYR A 20 -8.56 17.51 3.90
C TYR A 20 -9.08 17.18 5.30
N PRO A 21 -10.26 17.70 5.66
CA PRO A 21 -10.87 17.52 6.97
C PRO A 21 -11.13 16.08 7.38
N ILE A 22 -11.20 15.22 6.38
CA ILE A 22 -11.40 13.78 6.64
C ILE A 22 -10.18 13.16 7.31
N ALA A 23 -9.08 13.85 7.29
CA ALA A 23 -7.85 13.37 7.96
C ALA A 23 -8.14 13.09 9.45
N ASN A 24 -9.20 13.71 9.96
CA ASN A 24 -9.60 13.56 11.37
C ASN A 24 -10.87 12.71 11.47
N GLY A 25 -11.05 11.90 10.45
CA GLY A 25 -12.20 11.00 10.42
C GLY A 25 -12.12 9.93 11.50
N ASN A 26 -13.18 9.14 11.45
CA ASN A 26 -13.44 8.01 12.34
C ASN A 26 -12.95 6.66 11.84
N ASN A 27 -12.57 6.66 10.56
CA ASN A 27 -12.08 5.44 9.88
C ASN A 27 -10.74 5.68 9.15
N GLN A 28 -9.86 6.39 9.86
CA GLN A 28 -8.56 6.70 9.23
C GLN A 28 -7.57 5.57 9.35
N SER A 29 -6.64 5.47 8.41
CA SER A 29 -5.57 4.47 8.30
C SER A 29 -4.20 5.18 8.14
N PRO A 30 -3.09 4.57 8.57
CA PRO A 30 -3.03 3.26 9.23
C PRO A 30 -3.38 3.32 10.72
N VAL A 31 -3.34 2.14 11.33
CA VAL A 31 -3.63 1.98 12.77
C VAL A 31 -2.62 1.01 13.42
N ASP A 32 -2.63 1.01 14.73
CA ASP A 32 -1.80 0.08 15.54
C ASP A 32 -2.70 -1.17 15.81
N ILE A 33 -2.22 -2.34 15.50
CA ILE A 33 -2.90 -3.60 15.73
C ILE A 33 -2.45 -4.22 17.09
N LYS A 34 -3.31 -4.11 18.07
CA LYS A 34 -3.15 -4.64 19.44
C LYS A 34 -3.67 -6.09 19.38
N THR A 35 -2.68 -6.96 19.28
CA THR A 35 -2.94 -8.37 19.11
C THR A 35 -3.78 -8.94 20.23
N SER A 36 -3.78 -8.41 21.40
CA SER A 36 -4.61 -8.90 22.51
C SER A 36 -6.04 -8.39 22.44
N GLU A 37 -6.32 -7.51 21.49
CA GLU A 37 -7.68 -6.97 21.31
C GLU A 37 -8.32 -7.40 20.01
N THR A 38 -7.64 -8.19 19.22
CA THR A 38 -8.29 -8.57 17.92
C THR A 38 -9.35 -9.61 18.21
N LYS A 39 -10.23 -9.88 17.28
CA LYS A 39 -11.33 -10.84 17.49
C LYS A 39 -11.38 -11.85 16.37
N HIS A 40 -11.32 -13.12 16.78
CA HIS A 40 -11.34 -14.24 15.86
C HIS A 40 -12.73 -14.28 15.20
N ASP A 41 -12.75 -14.24 13.89
CA ASP A 41 -14.02 -14.27 13.15
C ASP A 41 -13.99 -15.58 12.36
N THR A 42 -14.86 -16.49 12.77
CA THR A 42 -14.88 -17.81 12.09
C THR A 42 -15.57 -17.74 10.74
N SER A 43 -16.19 -16.61 10.41
CA SER A 43 -16.82 -16.55 9.08
C SER A 43 -15.74 -16.21 8.03
N LEU A 44 -14.61 -15.70 8.44
CA LEU A 44 -13.53 -15.31 7.49
C LEU A 44 -13.05 -16.49 6.66
N LYS A 45 -13.02 -16.35 5.35
CA LYS A 45 -12.51 -17.41 4.46
C LYS A 45 -11.04 -17.08 4.13
N PRO A 46 -10.32 -18.11 3.72
CA PRO A 46 -8.90 -17.91 3.34
C PRO A 46 -8.86 -16.93 2.16
N ILE A 47 -7.87 -16.06 2.08
CA ILE A 47 -7.78 -15.20 0.87
C ILE A 47 -7.20 -16.03 -0.32
N SER A 48 -7.74 -15.72 -1.50
CA SER A 48 -7.41 -16.35 -2.77
C SER A 48 -7.04 -15.28 -3.79
N VAL A 49 -5.75 -15.29 -4.20
CA VAL A 49 -5.30 -14.29 -5.17
C VAL A 49 -5.06 -15.01 -6.48
N SER A 50 -5.58 -14.50 -7.58
CA SER A 50 -5.36 -15.15 -8.88
C SER A 50 -5.03 -14.03 -9.89
N TYR A 51 -3.78 -13.77 -10.06
CA TYR A 51 -3.23 -12.74 -10.93
C TYR A 51 -2.59 -13.28 -12.23
N ASN A 52 -2.86 -12.54 -13.30
CA ASN A 52 -2.29 -12.88 -14.63
C ASN A 52 -1.08 -11.92 -14.83
N PRO A 53 0.12 -12.48 -15.04
CA PRO A 53 1.32 -11.65 -15.22
C PRO A 53 1.29 -10.76 -16.44
N ALA A 54 0.54 -11.14 -17.46
CA ALA A 54 0.44 -10.37 -18.74
C ALA A 54 -0.37 -9.11 -18.51
N THR A 55 -0.95 -9.02 -17.32
CA THR A 55 -1.71 -7.81 -16.95
C THR A 55 -0.72 -6.74 -16.43
N ALA A 56 0.55 -7.05 -16.18
CA ALA A 56 1.47 -5.98 -15.70
C ALA A 56 1.60 -4.96 -16.86
N LYS A 57 1.56 -3.68 -16.53
CA LYS A 57 1.62 -2.67 -17.59
C LYS A 57 2.77 -1.70 -17.46
N GLU A 58 2.81 -0.95 -16.35
CA GLU A 58 3.89 0.02 -16.29
C GLU A 58 4.31 0.42 -14.91
N ILE A 59 5.48 1.07 -14.88
CA ILE A 59 6.00 1.58 -13.62
C ILE A 59 6.14 3.10 -13.79
N ILE A 60 5.67 3.88 -12.80
CA ILE A 60 5.80 5.34 -12.89
C ILE A 60 6.18 6.03 -11.58
N ASN A 61 6.98 7.08 -11.73
CA ASN A 61 7.37 7.95 -10.60
C ASN A 61 6.26 9.01 -10.44
N VAL A 62 5.65 9.10 -9.27
CA VAL A 62 4.57 10.03 -8.97
C VAL A 62 5.00 11.08 -7.95
N GLY A 63 6.32 11.17 -7.77
CA GLY A 63 6.91 12.17 -6.93
C GLY A 63 7.07 11.85 -5.47
N HIS A 64 5.99 11.44 -4.84
CA HIS A 64 5.99 11.04 -3.43
C HIS A 64 6.29 9.53 -3.30
N SER A 65 6.17 8.80 -4.42
CA SER A 65 6.40 7.35 -4.42
C SER A 65 6.50 6.85 -5.86
N PHE A 66 6.48 5.55 -6.09
CA PHE A 66 6.47 4.98 -7.45
C PHE A 66 5.31 3.97 -7.47
N HIS A 67 4.64 3.77 -8.57
CA HIS A 67 3.56 2.79 -8.66
C HIS A 67 3.84 1.79 -9.77
N VAL A 68 3.41 0.58 -9.62
CA VAL A 68 3.46 -0.52 -10.58
C VAL A 68 1.96 -0.77 -10.95
N ASN A 69 1.66 -0.27 -12.17
CA ASN A 69 0.24 -0.37 -12.62
C ASN A 69 -0.05 -1.58 -13.51
N PHE A 70 -1.28 -2.04 -13.39
CA PHE A 70 -1.81 -3.20 -14.12
C PHE A 70 -3.07 -2.84 -14.93
N GLU A 71 -3.29 -3.49 -16.02
CA GLU A 71 -4.46 -3.38 -16.88
C GLU A 71 -5.67 -3.87 -16.05
N ASP A 72 -6.68 -3.04 -15.91
CA ASP A 72 -7.86 -3.44 -15.10
C ASP A 72 -9.16 -3.29 -15.89
N ASN A 73 -9.15 -3.78 -17.10
CA ASN A 73 -10.32 -3.72 -18.00
C ASN A 73 -11.08 -5.03 -17.90
N ASP A 74 -10.46 -6.05 -17.34
CA ASP A 74 -10.96 -7.40 -17.17
C ASP A 74 -10.76 -7.89 -15.71
N ASN A 75 -11.31 -9.10 -15.59
CA ASN A 75 -11.14 -9.83 -14.33
C ASN A 75 -10.04 -10.87 -14.50
N ARG A 76 -9.00 -10.61 -15.28
CA ARG A 76 -7.86 -11.54 -15.41
C ARG A 76 -7.08 -11.70 -14.12
N SER A 77 -7.03 -10.65 -13.26
CA SER A 77 -6.27 -10.70 -11.98
C SER A 77 -7.19 -10.19 -10.88
N VAL A 78 -7.52 -11.13 -10.01
CA VAL A 78 -8.49 -10.86 -8.94
C VAL A 78 -8.08 -11.36 -7.58
N LEU A 79 -8.73 -10.74 -6.62
CA LEU A 79 -8.60 -11.07 -5.19
C LEU A 79 -10.00 -11.56 -4.76
N LYS A 80 -9.99 -12.70 -4.13
CA LYS A 80 -11.21 -13.35 -3.59
C LYS A 80 -11.02 -13.90 -2.18
N GLY A 81 -12.12 -14.32 -1.58
CA GLY A 81 -12.10 -14.91 -0.24
C GLY A 81 -12.03 -13.89 0.84
N GLY A 82 -11.34 -14.23 1.93
CA GLY A 82 -11.24 -13.32 3.11
C GLY A 82 -12.64 -12.98 3.59
N PRO A 83 -12.83 -11.68 3.83
CA PRO A 83 -14.11 -11.17 4.28
C PRO A 83 -15.11 -10.86 3.19
N PHE A 84 -14.70 -10.88 1.94
CA PHE A 84 -15.50 -10.49 0.78
C PHE A 84 -16.40 -11.56 0.14
N SER A 85 -17.50 -11.05 -0.42
CA SER A 85 -18.46 -11.83 -1.17
C SER A 85 -18.21 -11.57 -2.66
N ASP A 86 -17.65 -10.42 -3.01
CA ASP A 86 -17.39 -10.18 -4.46
C ASP A 86 -15.87 -10.22 -4.70
N SER A 87 -15.54 -10.38 -5.96
CA SER A 87 -14.18 -10.36 -6.47
C SER A 87 -13.71 -8.90 -6.59
N TYR A 88 -12.46 -8.69 -6.31
CA TYR A 88 -11.79 -7.38 -6.43
C TYR A 88 -10.72 -7.46 -7.53
N ARG A 89 -10.69 -6.50 -8.43
CA ARG A 89 -9.73 -6.47 -9.53
C ARG A 89 -8.40 -5.80 -9.17
N LEU A 90 -7.30 -6.43 -9.45
CA LEU A 90 -5.97 -5.82 -9.21
C LEU A 90 -5.76 -4.57 -10.10
N PHE A 91 -5.16 -3.53 -9.58
CA PHE A 91 -4.81 -2.32 -10.31
C PHE A 91 -3.36 -1.83 -10.04
N GLN A 92 -2.83 -2.12 -8.85
CA GLN A 92 -1.48 -1.57 -8.59
C GLN A 92 -0.89 -2.14 -7.28
N PHE A 93 0.42 -1.99 -7.18
CA PHE A 93 1.20 -2.28 -5.96
C PHE A 93 2.20 -1.10 -5.81
N HIS A 94 2.51 -0.77 -4.55
CA HIS A 94 3.51 0.30 -4.29
C HIS A 94 4.07 0.00 -2.87
N PHE A 95 5.02 0.76 -2.42
CA PHE A 95 5.64 0.60 -1.12
C PHE A 95 5.63 1.90 -0.33
N HIS A 96 5.90 1.85 0.93
CA HIS A 96 6.06 2.93 1.90
C HIS A 96 7.37 2.64 2.69
N TRP A 97 8.13 3.63 3.02
CA TRP A 97 9.43 3.42 3.71
C TRP A 97 9.65 4.64 4.56
N GLY A 98 10.69 4.68 5.38
CA GLY A 98 11.00 5.80 6.24
C GLY A 98 12.40 6.33 5.95
N SER A 99 12.82 7.32 6.73
CA SER A 99 14.17 7.91 6.54
C SER A 99 15.25 7.03 7.09
N THR A 100 14.93 6.12 7.99
CA THR A 100 15.83 5.12 8.58
C THR A 100 15.30 3.74 8.10
N ASN A 101 16.20 2.78 8.03
CA ASN A 101 15.88 1.43 7.61
C ASN A 101 15.12 0.64 8.67
N GLU A 102 15.11 1.13 9.90
CA GLU A 102 14.47 0.38 10.99
C GLU A 102 12.98 0.64 11.09
N HIS A 103 12.59 1.88 10.85
CA HIS A 103 11.21 2.35 11.02
C HIS A 103 10.63 3.13 9.81
N GLY A 104 9.79 2.43 9.05
CA GLY A 104 9.22 3.04 7.86
C GLY A 104 7.86 2.48 7.49
N SER A 105 7.33 1.53 8.25
CA SER A 105 6.04 0.94 7.82
C SER A 105 4.90 1.93 8.15
N GLU A 106 3.67 1.62 7.70
CA GLU A 106 2.52 2.50 8.02
C GLU A 106 1.79 1.87 9.24
N HIS A 107 1.41 0.62 9.04
CA HIS A 107 0.78 -0.11 10.15
C HIS A 107 1.90 -0.58 11.12
N THR A 108 1.48 -0.68 12.35
CA THR A 108 2.30 -1.16 13.48
C THR A 108 1.56 -2.33 14.16
N VAL A 109 2.38 -3.18 14.83
CA VAL A 109 1.76 -4.32 15.54
C VAL A 109 2.29 -4.24 16.98
N ASP A 110 1.36 -4.20 17.90
CA ASP A 110 1.72 -4.10 19.34
C ASP A 110 2.66 -2.95 19.60
N GLY A 111 2.44 -1.85 18.93
CA GLY A 111 3.26 -0.64 19.10
C GLY A 111 4.57 -0.75 18.38
N VAL A 112 4.83 -1.78 17.61
CA VAL A 112 6.09 -1.94 16.90
C VAL A 112 5.97 -1.58 15.42
N LYS A 113 6.85 -0.75 14.98
CA LYS A 113 6.97 -0.22 13.59
C LYS A 113 7.97 -1.08 12.82
N TYR A 114 7.59 -1.53 11.65
CA TYR A 114 8.43 -2.34 10.78
C TYR A 114 9.26 -1.38 9.90
N SER A 115 10.11 -1.90 9.07
CA SER A 115 11.03 -1.14 8.24
C SER A 115 10.35 -0.44 7.04
N ALA A 116 9.44 -1.21 6.47
CA ALA A 116 8.75 -0.82 5.26
C ALA A 116 7.44 -1.55 5.08
N GLU A 117 6.67 -1.21 4.05
CA GLU A 117 5.39 -1.89 3.85
C GLU A 117 5.00 -1.89 2.39
N LEU A 118 4.54 -3.01 1.90
CA LEU A 118 4.00 -3.25 0.57
C LEU A 118 2.45 -3.23 0.61
N HIS A 119 1.89 -2.53 -0.34
CA HIS A 119 0.43 -2.39 -0.53
C HIS A 119 0.05 -2.90 -1.93
N VAL A 120 -0.86 -3.84 -1.97
CA VAL A 120 -1.38 -4.43 -3.25
C VAL A 120 -2.86 -4.01 -3.25
N ALA A 121 -3.23 -3.13 -4.14
CA ALA A 121 -4.58 -2.53 -4.15
C ALA A 121 -5.45 -3.14 -5.25
N HIS A 122 -6.72 -3.21 -4.91
CA HIS A 122 -7.77 -3.76 -5.76
C HIS A 122 -9.01 -2.88 -5.63
N TRP A 123 -9.90 -2.92 -6.61
CA TRP A 123 -11.14 -2.14 -6.64
C TRP A 123 -12.32 -3.08 -7.00
N ASN A 124 -13.47 -2.67 -6.45
CA ASN A 124 -14.71 -3.47 -6.54
C ASN A 124 -15.35 -3.31 -7.93
N SER A 125 -15.00 -4.21 -8.82
CA SER A 125 -15.57 -4.13 -10.20
C SER A 125 -16.93 -4.79 -10.26
N ALA A 126 -17.35 -5.47 -9.20
CA ALA A 126 -18.66 -6.15 -9.16
C ALA A 126 -19.74 -5.14 -8.86
N LYS A 127 -19.35 -4.10 -8.18
CA LYS A 127 -20.24 -3.00 -7.79
C LYS A 127 -20.05 -1.68 -8.49
N TYR A 128 -18.86 -1.29 -8.90
CA TYR A 128 -18.68 0.02 -9.54
C TYR A 128 -18.24 -0.21 -10.96
N SER A 129 -18.32 0.84 -11.78
CA SER A 129 -17.86 0.65 -13.20
C SER A 129 -16.46 1.10 -13.44
N SER A 130 -15.82 1.81 -12.53
CA SER A 130 -14.42 2.22 -12.73
C SER A 130 -13.80 2.53 -11.36
N LEU A 131 -12.47 2.55 -11.33
CA LEU A 131 -11.76 2.84 -10.09
C LEU A 131 -12.14 4.22 -9.59
N ALA A 132 -12.36 5.15 -10.54
CA ALA A 132 -12.67 6.56 -10.19
C ALA A 132 -13.92 6.69 -9.30
N GLU A 133 -14.89 5.90 -9.62
CA GLU A 133 -16.14 5.76 -8.91
C GLU A 133 -15.99 5.05 -7.56
N ALA A 134 -15.44 3.87 -7.58
CA ALA A 134 -15.21 3.04 -6.38
C ALA A 134 -14.38 3.67 -5.30
N ALA A 135 -13.39 4.45 -5.70
CA ALA A 135 -12.40 5.09 -4.84
C ALA A 135 -12.97 5.82 -3.67
N SER A 136 -14.19 6.30 -3.77
CA SER A 136 -14.78 7.08 -2.66
C SER A 136 -15.85 6.31 -1.89
N LYS A 137 -16.16 5.11 -2.27
CA LYS A 137 -17.20 4.31 -1.55
C LYS A 137 -16.60 3.38 -0.51
N ALA A 138 -17.31 3.24 0.60
CA ALA A 138 -16.97 2.43 1.76
C ALA A 138 -16.45 1.06 1.38
N ASP A 139 -17.11 0.39 0.44
CA ASP A 139 -16.70 -0.95 -0.03
C ASP A 139 -15.88 -0.81 -1.33
N GLY A 140 -15.42 0.38 -1.66
CA GLY A 140 -14.72 0.56 -2.91
C GLY A 140 -13.43 -0.16 -3.17
N LEU A 141 -12.53 -0.18 -2.18
CA LEU A 141 -11.25 -0.84 -2.40
C LEU A 141 -10.89 -1.90 -1.33
N ALA A 142 -9.94 -2.73 -1.68
CA ALA A 142 -9.33 -3.75 -0.84
C ALA A 142 -7.79 -3.64 -1.06
N VAL A 143 -7.08 -3.40 0.02
CA VAL A 143 -5.62 -3.36 -0.02
C VAL A 143 -5.03 -4.42 0.94
N ILE A 144 -4.12 -5.19 0.38
CA ILE A 144 -3.35 -6.20 1.15
C ILE A 144 -2.05 -5.47 1.61
N GLY A 145 -1.83 -5.42 2.90
CA GLY A 145 -0.55 -4.77 3.39
C GLY A 145 0.34 -5.90 3.93
N VAL A 146 1.60 -5.86 3.54
CA VAL A 146 2.59 -6.86 3.99
C VAL A 146 3.77 -6.05 4.59
N LEU A 147 3.99 -6.31 5.86
CA LEU A 147 5.06 -5.70 6.66
C LEU A 147 6.41 -6.27 6.21
N MET A 148 7.38 -5.43 6.15
CA MET A 148 8.77 -5.68 5.73
C MET A 148 9.74 -5.39 6.91
N LYS A 149 10.59 -6.41 7.10
CA LYS A 149 11.55 -6.31 8.25
C LYS A 149 12.97 -6.38 7.69
N VAL A 150 13.80 -5.44 8.03
CA VAL A 150 15.21 -5.42 7.58
C VAL A 150 15.99 -6.62 8.11
N GLY A 151 16.77 -7.22 7.20
CA GLY A 151 17.63 -8.37 7.49
C GLY A 151 18.33 -8.78 6.19
N GLU A 152 18.06 -9.99 5.79
CA GLU A 152 18.57 -10.61 4.56
C GLU A 152 17.88 -10.01 3.33
N ALA A 153 18.64 -9.85 2.25
CA ALA A 153 18.13 -9.33 0.96
C ALA A 153 17.04 -10.28 0.39
N ASN A 154 16.03 -9.64 -0.16
CA ASN A 154 14.89 -10.35 -0.77
C ASN A 154 15.07 -10.35 -2.29
N PRO A 155 15.48 -11.48 -2.84
CA PRO A 155 15.68 -11.64 -4.29
C PRO A 155 14.39 -11.49 -5.07
N LYS A 156 13.24 -11.64 -4.43
CA LYS A 156 11.98 -11.48 -5.16
C LYS A 156 11.69 -10.03 -5.56
N LEU A 157 12.43 -9.07 -5.04
CA LEU A 157 12.33 -7.67 -5.29
C LEU A 157 13.18 -7.18 -6.47
N GLN A 158 14.14 -7.90 -6.90
CA GLN A 158 15.10 -7.54 -7.94
C GLN A 158 14.52 -6.89 -9.19
N LYS A 159 13.51 -7.50 -9.79
CA LYS A 159 12.88 -6.97 -11.01
C LYS A 159 12.30 -5.57 -10.78
N VAL A 160 11.76 -5.33 -9.62
CA VAL A 160 11.24 -3.99 -9.26
C VAL A 160 12.43 -3.04 -9.09
N LEU A 161 13.47 -3.46 -8.41
CA LEU A 161 14.63 -2.60 -8.18
C LEU A 161 15.32 -2.24 -9.48
N ASP A 162 15.36 -3.20 -10.37
CA ASP A 162 16.01 -2.97 -11.67
C ASP A 162 15.29 -1.91 -12.48
N ALA A 163 13.96 -1.95 -12.50
CA ALA A 163 13.15 -1.00 -13.24
C ALA A 163 13.31 0.42 -12.74
N LEU A 164 13.76 0.62 -11.51
CA LEU A 164 13.89 1.94 -10.92
C LEU A 164 14.88 2.79 -11.71
N GLN A 165 15.78 2.21 -12.44
CA GLN A 165 16.74 2.99 -13.25
C GLN A 165 16.09 3.96 -14.25
N ALA A 166 15.05 3.49 -14.89
CA ALA A 166 14.32 4.23 -15.91
C ALA A 166 13.34 5.25 -15.43
N ILE A 167 12.99 5.37 -14.17
CA ILE A 167 11.98 6.31 -13.67
C ILE A 167 12.50 7.12 -12.49
N LYS A 168 13.76 7.53 -12.68
CA LYS A 168 14.50 8.27 -11.66
C LYS A 168 13.82 9.54 -11.21
N THR A 169 13.18 10.27 -12.11
CA THR A 169 12.53 11.54 -11.75
C THR A 169 11.03 11.56 -11.95
N LYS A 170 10.37 12.41 -11.22
CA LYS A 170 8.89 12.56 -11.27
C LYS A 170 8.34 12.61 -12.67
N GLY A 171 7.27 11.84 -12.95
CA GLY A 171 6.62 11.83 -14.24
C GLY A 171 7.20 10.84 -15.23
N LYS A 172 8.34 10.24 -14.98
CA LYS A 172 8.91 9.24 -15.88
C LYS A 172 8.07 7.97 -15.70
N ARG A 173 8.01 7.17 -16.73
CA ARG A 173 7.27 5.92 -16.84
C ARG A 173 8.04 4.99 -17.80
N ALA A 174 7.76 3.74 -17.62
CA ALA A 174 8.34 2.66 -18.43
C ALA A 174 7.43 1.42 -18.42
N PRO A 175 7.49 0.69 -19.52
CA PRO A 175 6.72 -0.55 -19.65
C PRO A 175 7.21 -1.44 -18.50
N PHE A 176 6.34 -2.17 -17.88
CA PHE A 176 6.75 -3.12 -16.80
C PHE A 176 5.83 -4.30 -17.09
N THR A 177 6.36 -5.39 -17.66
CA THR A 177 5.52 -6.55 -18.05
C THR A 177 5.83 -7.88 -17.41
N ASN A 178 4.94 -8.82 -17.68
CA ASN A 178 4.98 -10.22 -17.27
C ASN A 178 5.49 -10.44 -15.85
N PHE A 179 4.72 -9.94 -14.90
CA PHE A 179 5.13 -10.10 -13.48
C PHE A 179 3.85 -10.37 -12.67
N ASP A 180 3.97 -11.30 -11.79
CA ASP A 180 2.88 -11.73 -10.85
C ASP A 180 3.31 -11.26 -9.46
N PRO A 181 2.55 -10.29 -8.93
CA PRO A 181 2.83 -9.69 -7.62
C PRO A 181 2.61 -10.64 -6.44
N SER A 182 1.96 -11.76 -6.71
CA SER A 182 1.74 -12.75 -5.62
C SER A 182 3.06 -13.38 -5.22
N THR A 183 4.08 -13.20 -6.03
CA THR A 183 5.41 -13.75 -5.79
C THR A 183 6.02 -12.98 -4.63
N LEU A 184 5.47 -11.81 -4.31
CA LEU A 184 5.99 -11.02 -3.19
C LEU A 184 5.29 -11.31 -1.86
N LEU A 185 4.21 -12.07 -1.86
CA LEU A 185 3.47 -12.32 -0.60
C LEU A 185 4.14 -13.42 0.24
N PRO A 186 3.91 -13.37 1.51
CA PRO A 186 4.52 -14.40 2.41
C PRO A 186 3.92 -15.73 2.07
N SER A 187 4.57 -16.80 2.55
CA SER A 187 4.10 -18.17 2.34
C SER A 187 2.74 -18.40 3.00
N SER A 188 2.46 -17.94 4.21
CA SER A 188 1.10 -18.17 4.77
C SER A 188 0.30 -16.84 4.61
N LEU A 189 -1.00 -17.02 4.41
CA LEU A 189 -1.82 -15.81 4.24
C LEU A 189 -2.87 -15.57 5.32
N ASP A 190 -2.56 -16.01 6.52
CA ASP A 190 -3.34 -15.71 7.74
C ASP A 190 -3.31 -14.17 7.86
N PHE A 191 -4.42 -13.56 8.28
CA PHE A 191 -4.46 -12.10 8.30
C PHE A 191 -5.36 -11.50 9.35
N TRP A 192 -5.16 -10.18 9.40
CA TRP A 192 -6.00 -9.27 10.22
C TRP A 192 -6.79 -8.38 9.23
N THR A 193 -7.98 -7.93 9.63
CA THR A 193 -8.77 -7.08 8.71
C THR A 193 -9.53 -6.02 9.51
N TYR A 194 -9.71 -4.83 8.90
CA TYR A 194 -10.45 -3.73 9.56
C TYR A 194 -10.84 -2.70 8.48
N PRO A 195 -11.90 -1.97 8.75
CA PRO A 195 -12.35 -0.93 7.76
C PRO A 195 -11.54 0.33 7.96
N GLY A 196 -11.06 0.94 6.92
CA GLY A 196 -10.22 2.13 7.06
C GLY A 196 -10.23 3.00 5.81
N SER A 197 -9.05 3.63 5.62
CA SER A 197 -8.97 4.60 4.48
C SER A 197 -7.66 4.52 3.74
N LEU A 198 -7.62 5.44 2.77
CA LEU A 198 -6.40 5.65 1.97
C LEU A 198 -5.43 6.28 2.98
N THR A 199 -4.13 5.97 2.85
CA THR A 199 -3.21 6.53 3.88
C THR A 199 -2.61 7.88 3.50
N HIS A 200 -2.99 8.40 2.33
CA HIS A 200 -2.53 9.73 1.87
C HIS A 200 -3.68 10.37 1.10
N PRO A 201 -3.60 11.69 0.94
CA PRO A 201 -4.70 12.45 0.24
C PRO A 201 -5.02 11.79 -1.08
N PRO A 202 -6.29 11.67 -1.45
CA PRO A 202 -7.46 12.21 -0.76
C PRO A 202 -7.97 11.64 0.53
N LEU A 203 -7.42 10.54 1.06
CA LEU A 203 -7.80 9.99 2.34
C LEU A 203 -9.23 9.45 2.47
N TYR A 204 -9.85 9.15 1.34
CA TYR A 204 -11.24 8.63 1.36
C TYR A 204 -11.34 7.43 2.33
N GLU A 205 -12.47 7.26 2.96
CA GLU A 205 -12.65 6.07 3.85
C GLU A 205 -13.36 4.99 3.09
N SER A 206 -12.63 4.38 2.14
CA SER A 206 -13.14 3.40 1.19
C SER A 206 -12.37 2.09 1.11
N VAL A 207 -11.57 1.82 2.16
CA VAL A 207 -10.70 0.62 2.07
C VAL A 207 -10.98 -0.43 3.14
N THR A 208 -11.01 -1.67 2.68
CA THR A 208 -11.12 -2.82 3.57
C THR A 208 -9.67 -3.36 3.62
N TRP A 209 -9.03 -3.18 4.76
CA TRP A 209 -7.64 -3.64 4.93
C TRP A 209 -7.46 -5.12 5.27
N ILE A 210 -6.50 -5.73 4.60
CA ILE A 210 -6.07 -7.11 4.83
C ILE A 210 -4.56 -7.04 5.21
N ILE A 211 -4.28 -7.24 6.50
CA ILE A 211 -2.82 -7.17 6.88
C ILE A 211 -2.37 -8.61 7.14
N CYS A 212 -1.36 -9.04 6.40
CA CYS A 212 -0.79 -10.37 6.58
C CYS A 212 -0.07 -10.41 7.95
N LYS A 213 -0.25 -11.52 8.63
CA LYS A 213 0.36 -11.81 9.93
C LYS A 213 1.87 -11.95 9.75
N GLU A 214 2.22 -12.67 8.72
CA GLU A 214 3.66 -12.93 8.39
C GLU A 214 4.31 -11.78 7.63
N SER A 215 5.54 -11.46 8.03
CA SER A 215 6.31 -10.38 7.35
C SER A 215 7.22 -10.91 6.26
N ILE A 216 7.83 -10.01 5.51
CA ILE A 216 8.79 -10.46 4.46
C ILE A 216 10.08 -9.71 4.68
N SER A 217 11.18 -10.19 4.16
CA SER A 217 12.48 -9.51 4.39
C SER A 217 12.83 -8.55 3.28
N VAL A 218 13.83 -7.75 3.53
CA VAL A 218 14.44 -6.75 2.69
C VAL A 218 15.77 -6.31 3.36
N SER A 219 16.79 -6.11 2.54
CA SER A 219 18.03 -5.60 3.22
C SER A 219 18.05 -4.07 3.19
N SER A 220 19.03 -3.58 3.97
CA SER A 220 19.17 -2.09 4.05
C SER A 220 19.59 -1.52 2.71
N GLU A 221 20.34 -2.27 1.92
CA GLU A 221 20.76 -1.71 0.61
C GLU A 221 19.61 -1.69 -0.39
N GLN A 222 18.67 -2.59 -0.30
CA GLN A 222 17.48 -2.54 -1.18
C GLN A 222 16.65 -1.32 -0.80
N LEU A 223 16.51 -1.03 0.49
CA LEU A 223 15.74 0.12 0.94
C LEU A 223 16.39 1.43 0.47
N ALA A 224 17.71 1.40 0.49
CA ALA A 224 18.49 2.60 0.09
C ALA A 224 18.16 2.97 -1.34
N GLN A 225 17.87 2.00 -2.17
CA GLN A 225 17.48 2.15 -3.55
C GLN A 225 16.11 2.86 -3.65
N PHE A 226 15.21 2.54 -2.77
CA PHE A 226 13.88 3.25 -2.82
C PHE A 226 14.12 4.75 -2.54
N ARG A 227 14.94 4.94 -1.51
CA ARG A 227 15.30 6.25 -0.99
C ARG A 227 16.16 7.05 -1.94
N SER A 228 16.68 6.48 -2.98
CA SER A 228 17.46 7.17 -4.01
C SER A 228 16.63 7.76 -5.15
N LEU A 229 15.37 7.43 -5.22
CA LEU A 229 14.50 7.99 -6.30
C LEU A 229 14.36 9.48 -5.99
N LEU A 230 14.08 10.26 -7.00
CA LEU A 230 13.96 11.73 -6.85
C LEU A 230 12.53 12.19 -7.03
N SER A 231 12.15 13.21 -6.29
CA SER A 231 10.82 13.78 -6.29
C SER A 231 10.69 14.96 -7.26
N ASN A 232 11.83 15.44 -7.71
CA ASN A 232 11.88 16.57 -8.64
C ASN A 232 11.73 16.09 -10.08
N VAL A 233 11.40 17.03 -10.98
CA VAL A 233 11.32 16.58 -12.39
C VAL A 233 12.76 16.73 -12.95
N GLU A 234 13.00 15.97 -13.99
CA GLU A 234 14.26 15.96 -14.71
C GLU A 234 14.82 17.35 -14.93
N GLY A 235 16.11 17.58 -14.68
CA GLY A 235 16.70 18.90 -14.92
C GLY A 235 16.84 19.82 -13.74
N ASP A 236 15.94 19.74 -12.76
CA ASP A 236 15.98 20.50 -11.52
C ASP A 236 16.99 19.90 -10.52
N ASN A 237 17.10 20.58 -9.39
CA ASN A 237 17.97 20.21 -8.24
C ASN A 237 17.43 18.91 -7.61
N ALA A 238 18.34 18.06 -7.16
CA ALA A 238 17.99 16.75 -6.56
C ALA A 238 17.32 16.81 -5.20
N VAL A 239 16.18 16.11 -5.11
CA VAL A 239 15.40 16.02 -3.85
C VAL A 239 14.87 14.57 -3.71
N PRO A 240 15.60 13.80 -2.93
CA PRO A 240 15.28 12.37 -2.76
C PRO A 240 13.98 12.14 -2.00
N MET A 241 13.39 11.00 -2.35
CA MET A 241 12.10 10.50 -1.75
C MET A 241 12.50 9.85 -0.42
N GLN A 242 12.67 10.71 0.55
CA GLN A 242 13.19 10.26 1.86
C GLN A 242 12.27 9.38 2.67
N HIS A 243 10.99 9.65 2.59
CA HIS A 243 10.02 8.87 3.38
C HIS A 243 8.62 9.24 2.85
N ASN A 244 7.68 8.31 3.03
CA ASN A 244 6.30 8.43 2.59
C ASN A 244 5.35 7.62 3.47
N ASN A 245 5.59 7.63 4.77
CA ASN A 245 4.71 6.89 5.71
C ASN A 245 3.92 7.83 6.60
N ARG A 246 2.67 7.51 6.86
CA ARG A 246 1.86 8.36 7.78
C ARG A 246 1.86 7.69 9.16
N PRO A 247 1.80 8.50 10.22
CA PRO A 247 1.69 7.98 11.58
C PRO A 247 0.36 7.25 11.72
N THR A 248 0.23 6.37 12.69
CA THR A 248 -0.99 5.60 12.97
C THR A 248 -2.06 6.54 13.54
N GLN A 249 -3.29 6.16 13.24
CA GLN A 249 -4.45 7.00 13.63
C GLN A 249 -5.35 6.30 14.62
N PRO A 250 -6.06 7.09 15.41
CA PRO A 250 -6.97 6.57 16.43
C PRO A 250 -7.95 5.55 15.83
N LEU A 251 -8.07 4.44 16.52
CA LEU A 251 -9.00 3.38 16.13
C LEU A 251 -10.47 3.78 16.24
N LYS A 252 -10.85 4.58 17.18
CA LYS A 252 -12.23 5.07 17.44
C LYS A 252 -13.31 4.03 17.43
N GLY A 253 -13.12 2.97 18.17
CA GLY A 253 -14.04 1.87 18.32
C GLY A 253 -14.10 0.83 17.25
N ARG A 254 -13.27 0.91 16.22
CA ARG A 254 -13.32 -0.14 15.18
C ARG A 254 -12.77 -1.46 15.79
N THR A 255 -13.08 -2.56 15.12
CA THR A 255 -12.64 -3.90 15.47
C THR A 255 -11.68 -4.53 14.45
N VAL A 256 -10.56 -5.02 14.96
CA VAL A 256 -9.56 -5.70 14.11
C VAL A 256 -9.87 -7.19 14.21
N ARG A 257 -10.31 -7.73 13.09
CA ARG A 257 -10.66 -9.17 13.11
C ARG A 257 -9.44 -9.98 12.62
N ALA A 258 -9.32 -11.20 13.16
CA ALA A 258 -8.25 -12.15 12.87
C ALA A 258 -8.84 -13.41 12.26
N SER A 259 -8.11 -13.90 11.26
CA SER A 259 -8.61 -15.08 10.57
C SER A 259 -8.22 -16.33 11.36
N PHE A 260 -7.48 -16.20 12.42
CA PHE A 260 -6.99 -17.37 13.21
C PHE A 260 -7.19 -17.05 14.69
#